data_1ZU8
#
_entry.id   1ZU8
#
_cell.length_a   63.204
_cell.length_b   66.689
_cell.length_c   108.072
_cell.angle_alpha   90.00
_cell.angle_beta   90.00
_cell.angle_gamma   90.00
#
_symmetry.space_group_name_H-M   'P 21 21 21'
#
loop_
_entity.id
_entity.type
_entity.pdbx_description
1 polymer 'Chitinase-3 like protein 1'
2 branched 2-acetamido-2-deoxy-alpha-D-glucopyranose-(1-4)-2-acetamido-2-deoxy-alpha-D-glucopyranose-(1-4)-2-acetamido-2-deoxy-beta-D-glucopyranose
3 branched alpha-D-mannopyranose-(1-4)-2-acetamido-2-deoxy-alpha-D-glucopyranose-(1-4)-2-acetamido-2-deoxy-beta-D-glucopyranose
4 water water
#
_entity_poly.entity_id   1
_entity_poly.type   'polypeptide(L)'
_entity_poly.pdbx_seq_one_letter_code
;YKLICYYTSWSQYREGDGSCFPDAIDPFLCTHVIYSFANISNNEIDTWEWNDVTLYDTLNTLKNRNPKLKTLLSVGGWNF
GPERFSKIASKTQSRRTFIKSVPPFLRTHGFDGLDLAWLYPGRRDKRHLTALVKEMKAEFAREAQAGTERLLLSAAVSAG
KIAIDRGYDIAQISRHLDFISLLTYDFHGAWRQTVGHHSPLFRGNSDASSRFSNADYAVSYMLRLGAPANKLVMGIPTFG
RSFTLASSKTDVGAPISGPGIPGRFTKEKGILAYYEICDFLHGATTHRFRDQQVPYATKGNQWVAYDDQESVKNKARYLK
NRQLAGAMVWALDLDDFRGTFCGQNLTFPLTSAVKDVLARV
;
_entity_poly.pdbx_strand_id   A
#
# COMPACT_ATOMS: atom_id res chain seq x y z
N TYR A 1 3.72 -10.42 14.65
CA TYR A 1 2.94 -9.56 13.76
C TYR A 1 3.75 -8.44 13.18
N LYS A 2 3.71 -8.35 11.82
CA LYS A 2 4.32 -7.27 11.08
C LYS A 2 3.42 -6.06 10.73
N LEU A 3 3.99 -4.89 10.72
CA LEU A 3 3.25 -3.74 10.35
C LEU A 3 4.11 -3.03 9.31
N ILE A 4 3.94 -3.33 8.01
CA ILE A 4 4.69 -2.69 6.99
C ILE A 4 4.04 -1.31 6.67
N CYS A 5 4.82 -0.23 6.71
CA CYS A 5 4.29 1.08 6.43
C CYS A 5 5.05 1.75 5.29
N TYR A 6 4.33 2.24 4.28
CA TYR A 6 4.88 2.95 3.15
C TYR A 6 5.06 4.48 3.40
N TYR A 7 6.20 5.01 3.02
CA TYR A 7 6.39 6.46 3.09
C TYR A 7 6.63 6.91 1.66
N THR A 8 5.79 7.80 1.14
CA THR A 8 5.91 8.31 -0.23
C THR A 8 6.78 9.55 -0.36
N SER A 9 7.78 9.40 -1.21
CA SER A 9 8.79 10.42 -1.48
C SER A 9 8.29 11.80 -1.87
N TRP A 10 7.21 11.88 -2.65
CA TRP A 10 6.65 13.13 -3.13
C TRP A 10 5.75 13.78 -2.15
N SER A 11 5.86 13.49 -0.87
CA SER A 11 4.97 14.12 0.10
C SER A 11 5.70 15.25 0.76
N GLN A 12 6.97 15.45 0.37
CA GLN A 12 7.77 16.55 0.91
C GLN A 12 7.33 17.86 0.32
N TYR A 13 6.93 17.80 -0.95
CA TYR A 13 6.52 18.98 -1.69
C TYR A 13 5.23 19.60 -1.27
N ARG A 14 4.41 18.91 -0.54
CA ARG A 14 3.09 19.43 -0.09
C ARG A 14 3.23 20.73 0.74
N GLU A 15 2.33 21.66 0.52
CA GLU A 15 2.44 22.92 1.26
C GLU A 15 1.96 22.87 2.72
N GLY A 16 2.37 23.85 3.48
CA GLY A 16 1.98 23.89 4.87
C GLY A 16 2.35 22.65 5.64
N ASP A 17 1.41 22.25 6.51
CA ASP A 17 1.52 21.07 7.37
C ASP A 17 1.50 19.83 6.57
N GLY A 18 0.94 19.93 5.39
CA GLY A 18 0.88 18.83 4.47
C GLY A 18 2.20 18.24 4.15
N SER A 19 3.27 18.99 4.34
CA SER A 19 4.66 18.53 4.07
C SER A 19 5.13 17.51 5.07
N CYS A 20 5.69 16.39 4.57
CA CYS A 20 6.16 15.34 5.47
C CYS A 20 7.50 14.81 5.05
N PHE A 21 8.42 14.69 6.00
CA PHE A 21 9.76 14.12 5.76
C PHE A 21 10.05 12.91 6.61
N PRO A 22 11.10 12.14 6.29
CA PRO A 22 11.39 10.93 7.08
C PRO A 22 11.31 11.18 8.51
N ASP A 23 11.73 12.36 8.80
CA ASP A 23 11.75 13.03 10.09
C ASP A 23 10.51 12.82 10.99
N ALA A 24 9.32 13.03 10.43
CA ALA A 24 8.08 12.91 11.17
C ALA A 24 7.69 11.48 11.58
N ILE A 25 8.45 10.49 11.16
CA ILE A 25 8.10 9.09 11.43
C ILE A 25 8.49 8.67 12.77
N ASP A 26 7.62 7.94 13.44
CA ASP A 26 7.86 7.44 14.79
C ASP A 26 8.66 6.18 14.70
N PRO A 27 9.90 6.19 15.20
CA PRO A 27 10.75 5.01 15.13
C PRO A 27 10.17 3.75 15.62
N PHE A 28 9.28 3.90 16.58
CA PHE A 28 8.73 2.72 17.20
C PHE A 28 7.36 2.27 16.71
N LEU A 29 6.75 3.02 15.78
CA LEU A 29 5.43 2.70 15.26
C LEU A 29 5.43 1.46 14.44
N CYS A 30 6.02 1.49 13.27
CA CYS A 30 6.04 0.33 12.40
C CYS A 30 7.20 -0.63 12.63
N THR A 31 7.23 -1.71 11.91
CA THR A 31 8.32 -2.70 11.97
C THR A 31 9.13 -2.60 10.69
N HIS A 32 8.46 -2.29 9.57
CA HIS A 32 9.13 -2.08 8.33
C HIS A 32 8.59 -0.84 7.72
N VAL A 33 9.48 0.05 7.25
CA VAL A 33 9.13 1.25 6.54
C VAL A 33 9.65 1.14 5.17
N ILE A 34 8.79 1.25 4.17
CA ILE A 34 9.19 1.17 2.79
C ILE A 34 9.22 2.55 2.11
N TYR A 35 10.42 3.03 1.78
CA TYR A 35 10.58 4.29 1.06
C TYR A 35 9.99 4.08 -0.31
N SER A 36 9.07 4.95 -0.69
CA SER A 36 8.29 4.76 -1.88
C SER A 36 8.80 5.37 -3.13
N PHE A 37 9.11 4.40 -4.03
CA PHE A 37 9.51 4.43 -5.47
C PHE A 37 10.85 4.95 -5.87
N ALA A 38 11.65 4.02 -6.25
CA ALA A 38 12.94 4.21 -6.80
C ALA A 38 12.62 3.98 -8.31
N ASN A 39 13.57 4.27 -9.21
CA ASN A 39 13.35 4.15 -10.63
C ASN A 39 14.27 3.14 -11.16
N ILE A 40 14.31 3.01 -12.47
CA ILE A 40 15.22 2.12 -13.20
C ILE A 40 15.73 2.84 -14.48
N SER A 41 17.04 2.89 -14.74
CA SER A 41 17.56 3.51 -15.96
C SER A 41 18.81 2.79 -16.41
N ASN A 42 18.79 2.32 -17.65
CA ASN A 42 19.87 1.54 -18.17
C ASN A 42 19.82 0.24 -17.44
N ASN A 43 18.61 -0.20 -17.20
CA ASN A 43 18.35 -1.46 -16.53
C ASN A 43 18.96 -1.61 -15.18
N GLU A 44 19.07 -0.50 -14.54
CA GLU A 44 19.72 -0.45 -13.23
C GLU A 44 18.89 0.32 -12.21
N ILE A 45 18.80 -0.14 -10.98
CA ILE A 45 17.97 0.58 -10.03
C ILE A 45 18.58 1.98 -9.91
N ASP A 46 17.80 2.97 -9.54
CA ASP A 46 18.33 4.33 -9.41
C ASP A 46 17.40 5.24 -8.59
N THR A 47 17.85 6.42 -8.23
CA THR A 47 17.01 7.31 -7.48
C THR A 47 15.92 7.90 -8.29
N TRP A 48 15.04 8.71 -7.68
CA TRP A 48 13.90 9.35 -8.38
C TRP A 48 13.91 10.90 -8.18
N GLU A 49 13.75 11.35 -6.95
CA GLU A 49 13.80 12.75 -6.66
C GLU A 49 15.26 13.05 -6.51
N TRP A 50 15.63 14.27 -6.75
CA TRP A 50 17.04 14.69 -6.62
C TRP A 50 17.59 14.37 -5.23
N ASN A 51 16.89 14.82 -4.18
CA ASN A 51 17.37 14.60 -2.82
C ASN A 51 17.08 13.22 -2.19
N ASP A 52 16.80 12.23 -3.00
CA ASP A 52 16.54 10.89 -2.47
C ASP A 52 17.73 10.43 -1.57
N VAL A 53 18.94 10.77 -1.92
CA VAL A 53 20.10 10.35 -1.15
C VAL A 53 20.00 10.94 0.19
N THR A 54 19.54 12.16 0.34
CA THR A 54 19.45 12.77 1.70
C THR A 54 18.29 12.18 2.54
N LEU A 55 17.14 12.02 1.92
CA LEU A 55 16.02 11.47 2.60
C LEU A 55 16.25 10.04 2.91
N TYR A 56 16.94 9.30 2.01
CA TYR A 56 17.25 7.89 2.23
C TYR A 56 17.94 7.79 3.59
N ASP A 57 18.97 8.62 3.68
CA ASP A 57 19.84 8.78 4.85
C ASP A 57 19.10 9.18 6.07
N THR A 58 18.13 10.06 5.90
CA THR A 58 17.31 10.59 7.01
C THR A 58 16.42 9.56 7.63
N LEU A 59 15.82 8.72 6.76
CA LEU A 59 14.93 7.61 7.16
C LEU A 59 15.75 6.55 7.85
N ASN A 60 16.87 6.20 7.27
CA ASN A 60 17.72 5.15 7.80
C ASN A 60 18.39 5.53 9.10
N THR A 61 18.23 6.74 9.52
CA THR A 61 18.83 7.06 10.80
C THR A 61 17.85 6.69 11.93
N LEU A 62 16.57 6.48 11.61
CA LEU A 62 15.59 6.13 12.58
C LEU A 62 16.03 4.82 13.19
N LYS A 63 16.79 4.07 12.43
CA LYS A 63 17.32 2.82 12.92
C LYS A 63 18.32 3.00 14.02
N ASN A 64 18.58 4.26 14.33
CA ASN A 64 19.51 4.58 15.40
C ASN A 64 18.78 4.73 16.70
N ARG A 65 17.52 5.17 16.61
CA ARG A 65 16.70 5.25 17.82
C ARG A 65 16.06 3.88 18.08
N ASN A 66 15.88 3.10 17.01
CA ASN A 66 15.30 1.77 17.13
C ASN A 66 16.01 0.76 16.28
N PRO A 67 16.78 -0.02 16.95
CA PRO A 67 17.59 -1.07 16.41
C PRO A 67 16.86 -2.05 15.55
N LYS A 68 15.73 -2.53 16.05
CA LYS A 68 14.97 -3.52 15.32
C LYS A 68 14.23 -3.02 14.09
N LEU A 69 14.18 -1.72 13.87
CA LEU A 69 13.50 -1.22 12.68
C LEU A 69 14.18 -1.76 11.41
N LYS A 70 13.43 -2.02 10.37
CA LYS A 70 13.97 -2.48 9.08
C LYS A 70 13.35 -1.62 7.98
N THR A 71 14.13 -1.26 6.97
CA THR A 71 13.63 -0.40 5.90
C THR A 71 13.86 -1.09 4.60
N LEU A 72 13.00 -0.83 3.61
CA LEU A 72 13.14 -1.41 2.29
C LEU A 72 12.84 -0.34 1.26
N LEU A 73 13.27 -0.51 0.03
CA LEU A 73 13.06 0.48 -1.01
C LEU A 73 12.15 -0.15 -1.99
N SER A 74 11.20 0.59 -2.53
CA SER A 74 10.23 0.02 -3.47
C SER A 74 10.55 0.41 -4.89
N VAL A 75 10.28 -0.47 -5.88
CA VAL A 75 10.56 -0.22 -7.33
C VAL A 75 9.31 -0.26 -8.14
N GLY A 76 9.09 0.78 -8.95
CA GLY A 76 7.92 0.83 -9.77
C GLY A 76 6.97 1.83 -9.23
N GLY A 77 5.75 1.40 -8.96
CA GLY A 77 4.70 2.30 -8.49
C GLY A 77 3.79 2.68 -9.65
N TRP A 78 2.77 3.50 -9.38
CA TRP A 78 1.80 3.87 -10.39
C TRP A 78 2.32 4.82 -11.48
N ASN A 79 3.25 5.69 -11.13
CA ASN A 79 3.74 6.59 -12.13
C ASN A 79 4.95 5.95 -12.87
N PHE A 80 5.04 4.62 -12.84
CA PHE A 80 6.14 3.91 -13.50
C PHE A 80 5.54 2.95 -14.55
N GLY A 81 5.53 3.27 -15.85
CA GLY A 81 4.92 2.40 -16.93
C GLY A 81 4.93 0.86 -16.73
N PRO A 82 3.82 0.16 -16.73
CA PRO A 82 3.86 -1.29 -16.58
C PRO A 82 4.82 -1.96 -17.54
N GLU A 83 4.68 -1.45 -18.76
CA GLU A 83 5.43 -1.89 -19.91
C GLU A 83 6.87 -1.77 -19.61
N ARG A 84 7.27 -0.64 -19.07
CA ARG A 84 8.68 -0.49 -18.79
C ARG A 84 9.18 -1.68 -17.98
N PHE A 85 8.38 -2.15 -17.04
CA PHE A 85 8.78 -3.25 -16.20
C PHE A 85 8.82 -4.47 -17.05
N SER A 86 7.77 -4.62 -17.82
CA SER A 86 7.57 -5.80 -18.69
C SER A 86 8.68 -5.99 -19.72
N LYS A 87 9.35 -4.92 -20.08
CA LYS A 87 10.43 -5.01 -21.05
C LYS A 87 11.70 -5.57 -20.40
N ILE A 88 11.88 -5.21 -19.14
CA ILE A 88 13.05 -5.62 -18.37
C ILE A 88 12.95 -7.07 -17.97
N ALA A 89 11.75 -7.56 -17.73
CA ALA A 89 11.61 -8.90 -17.28
C ALA A 89 11.69 -9.91 -18.37
N SER A 90 11.32 -9.53 -19.57
CA SER A 90 11.34 -10.48 -20.75
C SER A 90 12.70 -10.85 -21.31
N LYS A 91 13.61 -9.91 -21.38
CA LYS A 91 14.90 -10.20 -21.90
C LYS A 91 15.78 -10.60 -20.77
N THR A 92 16.09 -11.88 -20.67
CA THR A 92 16.98 -12.34 -19.58
C THR A 92 18.24 -11.50 -19.47
N GLN A 93 18.78 -11.07 -20.57
CA GLN A 93 19.99 -10.28 -20.52
C GLN A 93 19.76 -9.01 -19.70
N SER A 94 18.68 -8.28 -19.98
CA SER A 94 18.44 -7.01 -19.29
C SER A 94 17.93 -7.18 -17.87
N ARG A 95 17.35 -8.32 -17.58
CA ARG A 95 16.85 -8.66 -16.25
C ARG A 95 18.02 -9.00 -15.29
N ARG A 96 18.98 -9.76 -15.76
CA ARG A 96 20.09 -10.12 -14.96
C ARG A 96 20.90 -8.85 -14.64
N THR A 97 20.95 -7.93 -15.54
CA THR A 97 21.71 -6.72 -15.28
C THR A 97 21.08 -5.90 -14.16
N PHE A 98 19.75 -5.86 -14.14
CA PHE A 98 19.01 -5.14 -13.11
C PHE A 98 19.17 -5.82 -11.74
N ILE A 99 18.97 -7.12 -11.72
CA ILE A 99 19.13 -7.88 -10.53
C ILE A 99 20.52 -7.66 -9.95
N LYS A 100 21.52 -7.83 -10.77
CA LYS A 100 22.89 -7.67 -10.29
C LYS A 100 23.17 -6.27 -9.74
N SER A 101 22.32 -5.32 -10.08
CA SER A 101 22.59 -3.97 -9.69
C SER A 101 21.94 -3.58 -8.41
N VAL A 102 21.09 -4.41 -7.82
CA VAL A 102 20.40 -4.00 -6.59
C VAL A 102 21.20 -4.09 -5.29
N PRO A 103 21.76 -5.26 -4.99
CA PRO A 103 22.51 -5.39 -3.72
C PRO A 103 23.39 -4.18 -3.31
N PRO A 104 24.27 -3.83 -4.19
CA PRO A 104 25.14 -2.70 -4.00
C PRO A 104 24.43 -1.47 -3.57
N PHE A 105 23.45 -1.13 -4.39
CA PHE A 105 22.66 0.06 -4.19
C PHE A 105 22.06 0.13 -2.81
N LEU A 106 21.51 -1.00 -2.36
CA LEU A 106 20.87 -1.05 -1.05
C LEU A 106 21.91 -0.99 0.04
N ARG A 107 22.98 -1.74 -0.10
CA ARG A 107 24.01 -1.72 0.91
C ARG A 107 24.61 -0.31 1.12
N THR A 108 24.70 0.42 0.06
CA THR A 108 25.27 1.75 0.12
C THR A 108 24.33 2.70 0.86
N HIS A 109 23.04 2.68 0.54
CA HIS A 109 22.08 3.62 1.13
C HIS A 109 21.47 3.16 2.41
N GLY A 110 21.85 1.97 2.81
CA GLY A 110 21.43 1.42 4.06
C GLY A 110 20.15 0.66 4.17
N PHE A 111 19.55 0.18 3.10
CA PHE A 111 18.28 -0.55 3.19
C PHE A 111 18.50 -1.98 3.50
N ASP A 112 17.50 -2.64 4.04
CA ASP A 112 17.59 -4.04 4.40
C ASP A 112 16.84 -4.89 3.43
N GLY A 113 16.39 -4.34 2.34
CA GLY A 113 15.64 -5.15 1.38
C GLY A 113 14.99 -4.37 0.24
N LEU A 114 14.39 -5.11 -0.68
CA LEU A 114 13.78 -4.54 -1.87
C LEU A 114 12.33 -4.85 -1.90
N ASP A 115 11.53 -3.92 -2.44
CA ASP A 115 10.09 -4.12 -2.58
C ASP A 115 9.56 -3.96 -4.06
N LEU A 116 9.01 -4.99 -4.66
CA LEU A 116 8.59 -4.86 -6.03
C LEU A 116 7.14 -4.38 -6.17
N ALA A 117 6.93 -3.29 -6.86
CA ALA A 117 5.59 -2.75 -7.04
C ALA A 117 5.30 -2.61 -8.52
N TRP A 118 5.52 -3.69 -9.26
CA TRP A 118 5.19 -3.77 -10.68
C TRP A 118 3.74 -3.65 -10.67
N LEU A 119 3.24 -2.50 -11.06
CA LEU A 119 1.79 -2.32 -11.01
C LEU A 119 1.02 -2.89 -12.22
N TYR A 120 0.70 -4.17 -12.01
CA TYR A 120 -0.09 -5.04 -12.81
C TYR A 120 0.54 -5.66 -14.01
N PRO A 121 0.96 -6.89 -13.79
CA PRO A 121 1.41 -7.89 -14.77
C PRO A 121 0.34 -8.39 -15.67
N GLY A 122 0.60 -8.57 -16.94
CA GLY A 122 -0.47 -9.02 -17.83
C GLY A 122 -0.40 -10.50 -18.02
N ARG A 123 -1.30 -11.03 -18.80
CA ARG A 123 -1.27 -12.45 -19.06
C ARG A 123 0.08 -12.86 -19.59
N ARG A 124 0.73 -11.99 -20.37
CA ARG A 124 2.04 -12.27 -20.95
C ARG A 124 3.23 -12.00 -20.04
N ASP A 125 3.01 -11.63 -18.78
CA ASP A 125 4.06 -11.32 -17.88
C ASP A 125 4.24 -12.37 -16.80
N LYS A 126 3.15 -13.04 -16.43
CA LYS A 126 3.15 -14.07 -15.39
C LYS A 126 4.43 -14.90 -15.35
N ARG A 127 4.84 -15.43 -16.47
CA ARG A 127 6.04 -16.28 -16.55
C ARG A 127 7.31 -15.56 -16.16
N HIS A 128 7.43 -14.29 -16.55
CA HIS A 128 8.63 -13.52 -16.28
C HIS A 128 8.65 -12.97 -14.87
N LEU A 129 7.47 -12.63 -14.38
CA LEU A 129 7.35 -12.19 -13.03
C LEU A 129 7.97 -13.30 -12.20
N THR A 130 7.56 -14.53 -12.45
CA THR A 130 8.10 -15.66 -11.73
C THR A 130 9.58 -15.76 -11.92
N ALA A 131 10.04 -15.40 -13.08
CA ALA A 131 11.46 -15.51 -13.33
C ALA A 131 12.23 -14.50 -12.56
N LEU A 132 11.74 -13.27 -12.58
CA LEU A 132 12.37 -12.11 -11.88
C LEU A 132 12.51 -12.31 -10.37
N VAL A 133 11.46 -12.78 -9.73
CA VAL A 133 11.48 -13.03 -8.32
C VAL A 133 12.41 -14.13 -7.98
N LYS A 134 12.28 -15.21 -8.70
CA LYS A 134 13.10 -16.40 -8.46
C LYS A 134 14.60 -16.04 -8.51
N GLU A 135 14.99 -15.40 -9.59
CA GLU A 135 16.36 -15.03 -9.80
C GLU A 135 16.82 -13.98 -8.86
N MET A 136 15.97 -13.02 -8.53
CA MET A 136 16.37 -11.91 -7.64
C MET A 136 16.70 -12.46 -6.26
N LYS A 137 15.89 -13.40 -5.77
CA LYS A 137 16.14 -13.98 -4.46
C LYS A 137 17.42 -14.79 -4.51
N ALA A 138 17.63 -15.51 -5.57
CA ALA A 138 18.89 -16.27 -5.66
C ALA A 138 20.08 -15.35 -5.50
N GLU A 139 19.97 -14.16 -6.06
CA GLU A 139 21.03 -13.19 -5.98
C GLU A 139 21.21 -12.77 -4.54
N PHE A 140 20.13 -12.59 -3.81
CA PHE A 140 20.18 -12.18 -2.41
C PHE A 140 20.76 -13.26 -1.48
N ALA A 141 20.53 -14.51 -1.79
CA ALA A 141 21.07 -15.63 -0.96
C ALA A 141 22.55 -15.72 -1.18
N ARG A 142 22.94 -15.49 -2.41
CA ARG A 142 24.35 -15.57 -2.76
C ARG A 142 25.14 -14.42 -2.18
N GLU A 143 24.54 -13.28 -2.05
CA GLU A 143 25.30 -12.14 -1.56
C GLU A 143 25.42 -12.19 -0.05
N ALA A 144 24.65 -13.01 0.61
CA ALA A 144 24.76 -13.04 2.07
C ALA A 144 26.03 -13.77 2.44
N GLN A 145 26.63 -14.42 1.46
CA GLN A 145 27.83 -15.17 1.72
C GLN A 145 28.94 -14.23 2.14
N ALA A 146 28.86 -12.99 1.67
CA ALA A 146 29.88 -11.99 2.02
C ALA A 146 29.85 -11.70 3.50
N GLY A 147 29.05 -12.44 4.20
CA GLY A 147 29.07 -12.31 5.63
C GLY A 147 28.23 -11.26 6.22
N THR A 148 27.25 -10.79 5.49
CA THR A 148 26.32 -9.80 6.01
C THR A 148 24.91 -10.30 6.08
N GLU A 149 24.04 -9.66 6.80
CA GLU A 149 22.63 -10.12 6.89
C GLU A 149 21.85 -10.11 5.56
N ARG A 150 21.28 -11.26 5.17
CA ARG A 150 20.55 -11.43 3.89
C ARG A 150 19.45 -10.48 3.73
N LEU A 151 19.47 -9.74 2.61
CA LEU A 151 18.49 -8.72 2.28
C LEU A 151 17.10 -9.34 2.15
N LEU A 152 16.07 -8.55 2.41
CA LEU A 152 14.69 -9.06 2.30
C LEU A 152 14.18 -8.81 0.90
N LEU A 153 13.13 -9.51 0.49
CA LEU A 153 12.54 -9.34 -0.80
C LEU A 153 11.07 -9.49 -0.68
N SER A 154 10.30 -8.53 -1.14
CA SER A 154 8.85 -8.58 -1.01
C SER A 154 8.18 -8.05 -2.22
N ALA A 155 6.85 -7.99 -2.21
CA ALA A 155 6.08 -7.57 -3.36
C ALA A 155 4.65 -7.08 -3.08
N ALA A 156 4.22 -6.05 -3.82
CA ALA A 156 2.89 -5.49 -3.68
C ALA A 156 2.00 -6.14 -4.73
N VAL A 157 0.97 -6.85 -4.30
CA VAL A 157 0.15 -7.58 -5.25
C VAL A 157 -1.31 -7.09 -5.32
N SER A 158 -1.93 -7.21 -6.48
CA SER A 158 -3.35 -6.81 -6.63
C SER A 158 -4.29 -7.72 -5.86
N ALA A 159 -5.49 -7.26 -5.52
CA ALA A 159 -6.41 -8.11 -4.81
C ALA A 159 -7.59 -8.35 -5.62
N GLY A 160 -7.51 -8.07 -6.90
CA GLY A 160 -8.62 -8.28 -7.86
C GLY A 160 -8.56 -9.67 -8.50
N LYS A 161 -9.54 -10.50 -8.18
CA LYS A 161 -9.58 -11.89 -8.69
C LYS A 161 -9.06 -11.96 -10.13
N ILE A 162 -9.68 -11.21 -11.00
CA ILE A 162 -9.25 -11.23 -12.37
C ILE A 162 -7.78 -10.90 -12.52
N ALA A 163 -7.28 -9.87 -11.83
CA ALA A 163 -5.90 -9.46 -11.93
C ALA A 163 -4.91 -10.57 -11.55
N ILE A 164 -5.26 -11.32 -10.51
CA ILE A 164 -4.42 -12.39 -9.98
C ILE A 164 -4.37 -13.56 -10.93
N ASP A 165 -5.54 -13.95 -11.45
CA ASP A 165 -5.65 -15.09 -12.38
C ASP A 165 -4.92 -14.81 -13.65
N ARG A 166 -4.92 -13.53 -14.01
CA ARG A 166 -4.30 -13.08 -15.24
C ARG A 166 -2.77 -13.01 -15.25
N GLY A 167 -2.12 -12.48 -14.19
CA GLY A 167 -0.67 -12.31 -14.20
C GLY A 167 0.18 -12.81 -13.08
N TYR A 168 -0.36 -13.50 -12.11
CA TYR A 168 0.47 -13.96 -10.97
C TYR A 168 0.48 -15.52 -10.80
N ASP A 169 1.62 -16.06 -10.56
CA ASP A 169 1.71 -17.44 -10.27
C ASP A 169 1.98 -17.42 -8.74
N ILE A 170 0.93 -17.17 -7.99
CA ILE A 170 1.04 -17.13 -6.53
C ILE A 170 1.78 -18.28 -5.84
N ALA A 171 1.51 -19.49 -6.24
CA ALA A 171 2.17 -20.65 -5.66
C ALA A 171 3.71 -20.60 -5.85
N GLN A 172 4.13 -20.14 -7.02
CA GLN A 172 5.55 -20.05 -7.37
C GLN A 172 6.19 -18.90 -6.66
N ILE A 173 5.70 -17.70 -6.78
CA ILE A 173 6.39 -16.56 -6.14
C ILE A 173 6.25 -16.56 -4.64
N SER A 174 5.30 -17.29 -4.11
CA SER A 174 5.13 -17.32 -2.67
C SER A 174 6.33 -17.86 -1.96
N ARG A 175 6.97 -18.80 -2.56
CA ARG A 175 8.16 -19.39 -1.94
C ARG A 175 9.50 -18.62 -1.97
N HIS A 176 9.63 -17.64 -2.83
CA HIS A 176 10.85 -16.84 -2.87
C HIS A 176 10.67 -15.50 -2.18
N LEU A 177 9.44 -14.98 -2.11
CA LEU A 177 9.17 -13.71 -1.44
C LEU A 177 9.14 -13.80 0.09
N ASP A 178 9.82 -12.90 0.77
CA ASP A 178 9.84 -12.88 2.23
C ASP A 178 8.44 -12.57 2.76
N PHE A 179 7.68 -11.73 2.08
CA PHE A 179 6.30 -11.41 2.44
C PHE A 179 5.57 -10.73 1.30
N ILE A 180 4.25 -10.98 1.22
CA ILE A 180 3.38 -10.43 0.18
C ILE A 180 2.33 -9.47 0.75
N SER A 181 2.20 -8.28 0.16
CA SER A 181 1.27 -7.27 0.61
C SER A 181 0.13 -7.21 -0.33
N LEU A 182 -1.08 -7.44 0.15
CA LEU A 182 -2.28 -7.39 -0.68
C LEU A 182 -2.82 -5.98 -0.75
N LEU A 183 -2.97 -5.44 -1.95
CA LEU A 183 -3.54 -4.15 -2.23
C LEU A 183 -5.05 -4.23 -2.13
N THR A 184 -5.52 -4.49 -0.94
CA THR A 184 -6.94 -4.60 -0.70
C THR A 184 -7.67 -3.23 -0.49
N TYR A 185 -7.40 -2.28 -1.31
CA TYR A 185 -8.12 -1.06 -1.18
C TYR A 185 -8.38 -0.43 -2.53
N ASP A 186 -8.20 -1.17 -3.62
CA ASP A 186 -8.48 -0.62 -4.94
C ASP A 186 -9.70 -1.28 -5.55
N PHE A 187 -10.64 -1.65 -4.74
CA PHE A 187 -11.78 -2.40 -5.22
C PHE A 187 -12.81 -1.69 -6.05
N HIS A 188 -13.30 -0.53 -5.66
CA HIS A 188 -14.30 0.12 -6.50
C HIS A 188 -13.65 0.73 -7.74
N GLY A 189 -14.05 0.17 -8.89
CA GLY A 189 -13.56 0.54 -10.19
C GLY A 189 -13.42 2.03 -10.54
N ALA A 190 -12.24 2.36 -11.06
CA ALA A 190 -11.94 3.72 -11.50
C ALA A 190 -12.86 4.04 -12.71
N TRP A 191 -13.30 2.97 -13.36
CA TRP A 191 -14.15 3.05 -14.53
C TRP A 191 -15.55 3.62 -14.27
N ARG A 192 -16.45 2.80 -13.76
CA ARG A 192 -17.86 3.21 -13.60
C ARG A 192 -18.28 4.28 -12.60
N GLN A 193 -19.44 4.86 -12.93
CA GLN A 193 -20.09 5.92 -12.21
C GLN A 193 -21.23 5.50 -11.28
N THR A 194 -20.85 5.08 -10.09
CA THR A 194 -21.79 4.76 -9.04
C THR A 194 -21.04 4.87 -7.71
N VAL A 195 -21.65 5.48 -6.72
CA VAL A 195 -21.01 5.57 -5.45
C VAL A 195 -20.73 4.17 -4.93
N GLY A 196 -19.51 3.93 -4.52
CA GLY A 196 -19.12 2.65 -3.97
C GLY A 196 -17.88 2.78 -3.08
N HIS A 197 -17.70 1.80 -2.19
CA HIS A 197 -16.55 1.83 -1.25
C HIS A 197 -15.30 1.10 -1.82
N HIS A 198 -14.20 1.79 -1.93
CA HIS A 198 -13.03 1.21 -2.50
C HIS A 198 -12.46 0.11 -1.68
N SER A 199 -12.53 0.14 -0.35
CA SER A 199 -11.93 -0.94 0.50
C SER A 199 -12.91 -1.60 1.45
N PRO A 200 -13.91 -2.30 0.95
CA PRO A 200 -14.89 -2.94 1.81
C PRO A 200 -14.27 -4.14 2.41
N LEU A 201 -14.69 -4.50 3.61
CA LEU A 201 -14.18 -5.67 4.32
C LEU A 201 -14.91 -6.92 3.92
N PHE A 202 -16.24 -6.86 3.91
CA PHE A 202 -17.04 -8.03 3.60
C PHE A 202 -17.87 -7.94 2.36
N ARG A 203 -18.42 -9.06 1.96
CA ARG A 203 -19.25 -9.10 0.76
C ARG A 203 -20.34 -8.07 0.76
N GLY A 204 -21.13 -8.02 1.82
CA GLY A 204 -22.20 -7.05 1.87
C GLY A 204 -23.52 -7.57 1.32
N ASN A 205 -24.27 -8.23 2.21
CA ASN A 205 -25.59 -8.82 1.94
C ASN A 205 -26.42 -8.23 0.79
N SER A 206 -26.24 -6.94 0.49
CA SER A 206 -27.02 -6.32 -0.56
C SER A 206 -26.30 -6.00 -1.89
N ASP A 207 -26.07 -7.03 -2.70
CA ASP A 207 -25.46 -6.89 -4.03
C ASP A 207 -24.74 -8.17 -4.52
N ALA A 208 -25.41 -8.90 -5.42
CA ALA A 208 -24.93 -10.17 -5.99
C ALA A 208 -23.60 -10.19 -6.76
N SER A 209 -23.55 -9.45 -7.86
CA SER A 209 -22.35 -9.45 -8.74
C SER A 209 -21.05 -8.83 -8.16
N SER A 210 -19.94 -9.45 -8.52
CA SER A 210 -18.60 -9.01 -8.09
C SER A 210 -18.45 -9.03 -6.56
N ARG A 211 -18.53 -10.26 -5.99
CA ARG A 211 -18.30 -10.50 -4.60
C ARG A 211 -16.83 -10.64 -4.46
N PHE A 212 -16.16 -10.69 -5.58
CA PHE A 212 -14.75 -10.80 -5.59
C PHE A 212 -14.10 -9.51 -5.15
N SER A 213 -14.87 -8.47 -4.92
CA SER A 213 -14.39 -7.16 -4.52
C SER A 213 -14.53 -6.81 -3.04
N ASN A 214 -13.69 -7.41 -2.20
CA ASN A 214 -13.61 -7.10 -0.78
C ASN A 214 -12.46 -7.84 -0.20
N ALA A 215 -11.87 -7.26 0.80
CA ALA A 215 -10.75 -7.87 1.47
C ALA A 215 -10.96 -9.39 1.80
N ASP A 216 -12.10 -9.75 2.39
CA ASP A 216 -12.35 -11.12 2.74
C ASP A 216 -12.20 -12.05 1.61
N TYR A 217 -12.85 -11.80 0.49
CA TYR A 217 -12.71 -12.71 -0.65
C TYR A 217 -11.30 -12.69 -1.20
N ALA A 218 -10.69 -11.50 -1.29
CA ALA A 218 -9.30 -11.46 -1.81
C ALA A 218 -8.41 -12.35 -1.03
N VAL A 219 -8.49 -12.26 0.29
CA VAL A 219 -7.66 -13.05 1.19
C VAL A 219 -7.91 -14.55 1.10
N SER A 220 -9.18 -14.95 1.16
CA SER A 220 -9.54 -16.38 1.08
C SER A 220 -9.05 -16.95 -0.22
N TYR A 221 -9.02 -16.14 -1.25
CA TYR A 221 -8.61 -16.62 -2.59
C TYR A 221 -7.11 -16.87 -2.60
N MET A 222 -6.31 -15.92 -2.11
CA MET A 222 -4.87 -16.08 -2.08
C MET A 222 -4.50 -17.31 -1.29
N LEU A 223 -5.21 -17.56 -0.21
CA LEU A 223 -4.87 -18.74 0.59
C LEU A 223 -5.12 -20.03 -0.22
N ARG A 224 -6.14 -20.00 -1.05
CA ARG A 224 -6.49 -21.13 -1.87
C ARG A 224 -5.45 -21.32 -3.02
N LEU A 225 -5.04 -20.25 -3.67
CA LEU A 225 -4.07 -20.37 -4.74
C LEU A 225 -2.70 -20.97 -4.26
N GLY A 226 -2.48 -20.97 -2.94
CA GLY A 226 -1.23 -21.49 -2.36
C GLY A 226 -0.36 -20.56 -1.47
N ALA A 227 -0.72 -19.33 -1.28
CA ALA A 227 0.08 -18.47 -0.47
C ALA A 227 0.01 -18.85 1.02
N PRO A 228 1.10 -18.88 1.69
CA PRO A 228 1.08 -19.24 3.09
C PRO A 228 0.57 -18.09 3.93
N ALA A 229 -0.21 -18.40 4.94
CA ALA A 229 -0.77 -17.36 5.76
C ALA A 229 0.33 -16.60 6.40
N ASN A 230 1.46 -17.22 6.67
CA ASN A 230 2.54 -16.53 7.36
C ASN A 230 3.38 -15.59 6.49
N LYS A 231 2.95 -15.38 5.26
CA LYS A 231 3.60 -14.44 4.33
C LYS A 231 2.62 -13.34 3.83
N LEU A 232 1.35 -13.45 4.14
CA LEU A 232 0.41 -12.47 3.66
C LEU A 232 0.31 -11.26 4.55
N VAL A 233 0.31 -10.10 3.94
CA VAL A 233 0.14 -8.88 4.68
C VAL A 233 -1.02 -8.15 4.06
N MET A 234 -2.03 -7.82 4.86
CA MET A 234 -3.25 -7.19 4.31
C MET A 234 -3.16 -5.71 4.25
N GLY A 235 -3.51 -5.13 3.14
CA GLY A 235 -3.37 -3.67 3.01
C GLY A 235 -4.43 -2.84 3.67
N ILE A 236 -4.03 -1.77 4.34
CA ILE A 236 -5.04 -0.92 4.97
C ILE A 236 -4.85 0.54 4.59
N PRO A 237 -5.87 1.15 4.01
CA PRO A 237 -5.87 2.54 3.56
C PRO A 237 -5.81 3.49 4.67
N THR A 238 -5.18 4.64 4.43
CA THR A 238 -5.02 5.68 5.37
C THR A 238 -5.49 6.93 4.62
N PHE A 239 -6.21 6.71 3.51
CA PHE A 239 -6.79 7.68 2.66
C PHE A 239 -8.20 7.37 2.24
N GLY A 240 -8.87 8.33 1.62
CA GLY A 240 -10.26 8.15 1.19
C GLY A 240 -10.40 8.45 -0.26
N ARG A 241 -11.40 7.92 -0.91
CA ARG A 241 -11.64 8.17 -2.28
C ARG A 241 -12.93 9.04 -2.34
N SER A 242 -12.88 10.17 -3.05
CA SER A 242 -14.03 11.08 -3.19
C SER A 242 -14.71 11.13 -4.57
N PHE A 243 -15.94 11.51 -4.58
CA PHE A 243 -16.74 11.56 -5.78
C PHE A 243 -17.64 12.80 -5.74
N THR A 244 -17.96 13.32 -6.91
CA THR A 244 -18.88 14.41 -7.03
C THR A 244 -20.26 13.79 -7.45
N LEU A 245 -21.24 13.90 -6.55
CA LEU A 245 -22.58 13.38 -6.82
C LEU A 245 -23.15 14.06 -8.01
N ALA A 246 -24.10 13.44 -8.67
CA ALA A 246 -24.76 13.99 -9.84
C ALA A 246 -26.26 13.99 -9.59
N SER A 247 -26.65 13.94 -8.32
CA SER A 247 -28.04 13.93 -7.90
C SER A 247 -28.14 13.97 -6.33
N SER A 248 -29.30 14.30 -5.83
CA SER A 248 -29.47 14.38 -4.40
C SER A 248 -29.50 13.00 -3.77
N LYS A 249 -29.26 11.98 -4.60
CA LYS A 249 -29.26 10.61 -4.09
C LYS A 249 -27.91 10.35 -3.40
N THR A 250 -27.97 9.94 -2.13
CA THR A 250 -26.78 9.71 -1.35
C THR A 250 -26.52 8.25 -0.97
N ASP A 251 -27.59 7.46 -0.94
CA ASP A 251 -27.52 6.03 -0.56
C ASP A 251 -26.82 5.15 -1.59
N VAL A 252 -26.48 3.95 -1.16
CA VAL A 252 -25.80 2.97 -2.00
C VAL A 252 -26.45 3.05 -3.33
N GLY A 253 -25.63 3.15 -4.38
CA GLY A 253 -26.13 3.15 -5.78
C GLY A 253 -26.25 4.51 -6.50
N ALA A 254 -26.25 5.60 -5.76
CA ALA A 254 -26.38 6.94 -6.32
C ALA A 254 -25.43 7.22 -7.51
N PRO A 255 -25.98 7.98 -8.45
CA PRO A 255 -25.26 8.52 -9.62
C PRO A 255 -23.97 9.29 -9.38
N ILE A 256 -23.02 9.22 -10.26
CA ILE A 256 -21.82 10.02 -10.02
C ILE A 256 -21.46 10.73 -11.32
N SER A 257 -20.83 11.90 -11.25
CA SER A 257 -20.43 12.63 -12.43
C SER A 257 -18.92 12.67 -12.57
N GLY A 258 -18.23 12.15 -11.56
CA GLY A 258 -16.77 12.15 -11.62
C GLY A 258 -16.17 12.21 -10.21
N PRO A 259 -14.84 12.20 -10.14
CA PRO A 259 -14.18 12.24 -8.84
C PRO A 259 -14.56 13.51 -8.05
N GLY A 260 -14.21 13.56 -6.77
CA GLY A 260 -14.49 14.71 -5.95
C GLY A 260 -13.45 15.81 -6.16
N ILE A 261 -13.71 16.97 -5.59
CA ILE A 261 -12.80 18.07 -5.66
C ILE A 261 -11.57 17.80 -4.84
N PRO A 262 -10.51 18.35 -5.31
CA PRO A 262 -9.19 18.33 -4.67
C PRO A 262 -9.09 18.66 -3.20
N GLY A 263 -8.08 18.12 -2.53
CA GLY A 263 -7.88 18.44 -1.15
C GLY A 263 -6.95 19.67 -1.10
N ARG A 264 -7.02 20.46 -0.03
CA ARG A 264 -6.24 21.66 0.10
C ARG A 264 -4.74 21.35 0.17
N PHE A 265 -4.35 20.20 0.69
CA PHE A 265 -2.97 19.87 0.79
C PHE A 265 -2.60 18.78 -0.20
N THR A 266 -3.50 17.83 -0.36
CA THR A 266 -3.26 16.71 -1.24
C THR A 266 -3.23 17.14 -2.74
N LYS A 267 -3.98 18.17 -3.10
CA LYS A 267 -4.05 18.66 -4.47
C LYS A 267 -4.13 17.59 -5.54
N GLU A 268 -5.07 16.68 -5.43
CA GLU A 268 -5.24 15.65 -6.46
C GLU A 268 -6.72 15.16 -6.48
N LYS A 269 -7.36 15.22 -7.63
CA LYS A 269 -8.74 14.82 -7.75
C LYS A 269 -9.02 13.40 -7.34
N GLY A 270 -10.16 13.18 -6.68
CA GLY A 270 -10.54 11.86 -6.26
C GLY A 270 -9.91 11.30 -5.00
N ILE A 271 -8.81 11.87 -4.51
CA ILE A 271 -8.20 11.40 -3.28
C ILE A 271 -8.16 12.45 -2.14
N LEU A 272 -8.19 12.01 -0.91
CA LEU A 272 -8.12 12.86 0.25
C LEU A 272 -7.36 12.18 1.29
N ALA A 273 -6.49 12.91 1.94
CA ALA A 273 -5.70 12.33 3.03
C ALA A 273 -6.58 12.18 4.30
N TYR A 274 -6.18 11.34 5.26
CA TYR A 274 -7.04 11.15 6.45
C TYR A 274 -7.18 12.47 7.24
N TYR A 275 -6.11 13.26 7.25
CA TYR A 275 -6.19 14.50 8.00
C TYR A 275 -7.02 15.51 7.33
N GLU A 276 -7.27 15.34 6.03
CA GLU A 276 -8.12 16.24 5.25
C GLU A 276 -9.56 15.80 5.46
N ILE A 277 -9.74 14.50 5.55
CA ILE A 277 -11.07 13.95 5.82
C ILE A 277 -11.51 14.35 7.21
N CYS A 278 -10.55 14.61 8.10
CA CYS A 278 -10.87 14.99 9.47
C CYS A 278 -11.40 16.37 9.43
N ASP A 279 -10.87 17.22 8.58
CA ASP A 279 -11.40 18.56 8.53
C ASP A 279 -12.68 18.51 7.75
N PHE A 280 -12.76 17.76 6.68
CA PHE A 280 -14.01 17.59 5.91
C PHE A 280 -15.23 17.05 6.70
N LEU A 281 -14.96 16.25 7.69
CA LEU A 281 -16.03 15.66 8.42
C LEU A 281 -16.95 16.68 9.08
N HIS A 282 -16.43 17.85 9.40
CA HIS A 282 -17.21 18.93 10.04
C HIS A 282 -18.38 19.42 9.21
N GLY A 283 -19.58 19.14 9.68
CA GLY A 283 -20.76 19.57 8.97
C GLY A 283 -21.14 18.65 7.85
N ALA A 284 -20.69 17.40 7.92
CA ALA A 284 -20.98 16.39 6.91
C ALA A 284 -21.78 15.34 7.62
N THR A 285 -22.56 14.58 6.86
CA THR A 285 -23.35 13.51 7.45
C THR A 285 -22.58 12.20 7.34
N THR A 286 -22.45 11.44 8.39
CA THR A 286 -21.72 10.19 8.30
C THR A 286 -22.67 9.01 8.22
N HIS A 287 -22.19 7.97 7.59
CA HIS A 287 -22.94 6.73 7.41
C HIS A 287 -21.95 5.60 7.50
N ARG A 288 -22.45 4.37 7.58
CA ARG A 288 -21.59 3.20 7.70
C ARG A 288 -22.26 2.00 7.15
N PHE A 289 -21.70 1.42 6.10
CA PHE A 289 -22.20 0.22 5.52
C PHE A 289 -22.05 -0.86 6.57
N ARG A 290 -23.16 -1.38 7.08
CA ARG A 290 -23.10 -2.33 8.15
C ARG A 290 -22.67 -3.68 7.64
N ASP A 291 -23.04 -4.00 6.42
CA ASP A 291 -22.62 -5.27 5.84
C ASP A 291 -21.09 -5.33 5.70
N GLN A 292 -20.49 -4.33 5.01
CA GLN A 292 -19.04 -4.23 4.82
C GLN A 292 -18.22 -3.66 5.98
N GLN A 293 -18.86 -2.95 6.88
CA GLN A 293 -18.17 -2.40 8.03
C GLN A 293 -17.12 -1.36 7.61
N VAL A 294 -17.52 -0.32 6.86
CA VAL A 294 -16.60 0.74 6.40
C VAL A 294 -17.39 2.05 6.23
N PRO A 295 -16.83 3.20 6.56
CA PRO A 295 -17.51 4.50 6.52
C PRO A 295 -17.85 5.10 5.23
N TYR A 296 -18.53 6.21 5.30
CA TYR A 296 -18.70 7.10 4.15
C TYR A 296 -19.38 8.34 4.61
N ALA A 297 -18.95 9.49 4.12
CA ALA A 297 -19.53 10.73 4.53
C ALA A 297 -19.88 11.52 3.32
N THR A 298 -20.88 12.40 3.46
CA THR A 298 -21.38 13.27 2.42
C THR A 298 -21.62 14.65 2.94
N LYS A 299 -21.38 15.63 2.08
CA LYS A 299 -21.56 17.04 2.44
C LYS A 299 -21.66 17.80 1.13
N GLY A 300 -22.75 18.54 0.92
CA GLY A 300 -22.88 19.25 -0.33
C GLY A 300 -23.05 18.24 -1.44
N ASN A 301 -22.31 18.35 -2.53
CA ASN A 301 -22.42 17.38 -3.58
C ASN A 301 -21.15 16.51 -3.57
N GLN A 302 -20.58 16.30 -2.37
CA GLN A 302 -19.37 15.51 -2.21
C GLN A 302 -19.69 14.27 -1.39
N TRP A 303 -19.30 13.09 -1.91
CA TRP A 303 -19.51 11.80 -1.21
C TRP A 303 -18.15 11.15 -1.08
N VAL A 304 -17.74 10.92 0.16
CA VAL A 304 -16.44 10.35 0.47
C VAL A 304 -16.48 9.01 1.21
N ALA A 305 -15.78 8.02 0.64
CA ALA A 305 -15.69 6.68 1.25
C ALA A 305 -14.34 6.57 1.88
N TYR A 306 -14.24 6.23 3.18
CA TYR A 306 -12.95 6.19 3.86
C TYR A 306 -12.88 5.19 5.03
N ASP A 307 -11.78 5.24 5.80
CA ASP A 307 -11.56 4.40 6.97
C ASP A 307 -11.20 5.20 8.19
N ASP A 308 -11.93 4.91 9.28
CA ASP A 308 -11.69 5.52 10.55
C ASP A 308 -10.99 4.55 11.47
N GLN A 309 -10.81 4.93 12.74
CA GLN A 309 -10.15 4.13 13.73
C GLN A 309 -10.83 2.83 13.93
N GLU A 310 -12.13 2.88 13.96
CA GLU A 310 -12.87 1.65 14.18
C GLU A 310 -12.95 0.71 13.00
N SER A 311 -13.06 1.24 11.81
CA SER A 311 -13.12 0.36 10.67
C SER A 311 -11.76 -0.27 10.51
N VAL A 312 -10.75 0.41 10.96
CA VAL A 312 -9.37 -0.10 10.81
C VAL A 312 -9.02 -1.14 11.89
N LYS A 313 -9.56 -0.99 13.08
CA LYS A 313 -9.30 -1.97 14.15
C LYS A 313 -9.98 -3.23 13.79
N ASN A 314 -11.03 -3.09 13.00
CA ASN A 314 -11.80 -4.24 12.57
C ASN A 314 -11.07 -5.16 11.62
N LYS A 315 -10.53 -4.55 10.59
CA LYS A 315 -9.70 -5.22 9.61
C LYS A 315 -8.53 -5.83 10.30
N ALA A 316 -7.99 -5.14 11.32
CA ALA A 316 -6.85 -5.66 12.09
C ALA A 316 -7.16 -6.92 12.86
N ARG A 317 -8.36 -7.01 13.41
CA ARG A 317 -8.77 -8.19 14.15
C ARG A 317 -8.96 -9.30 13.14
N TYR A 318 -9.57 -9.00 12.03
CA TYR A 318 -9.81 -10.03 10.98
C TYR A 318 -8.53 -10.65 10.56
N LEU A 319 -7.60 -9.81 10.23
CA LEU A 319 -6.28 -10.19 9.82
C LEU A 319 -5.72 -11.23 10.79
N LYS A 320 -5.96 -10.99 12.07
CA LYS A 320 -5.47 -11.86 13.13
C LYS A 320 -6.15 -13.17 13.20
N ASN A 321 -7.47 -13.15 13.06
CA ASN A 321 -8.28 -14.37 13.13
C ASN A 321 -8.04 -15.36 12.03
N ARG A 322 -7.49 -14.87 10.89
CA ARG A 322 -7.17 -15.79 9.76
C ARG A 322 -5.71 -16.13 9.88
N GLN A 323 -5.12 -15.51 10.86
CA GLN A 323 -3.70 -15.73 11.17
C GLN A 323 -2.71 -15.26 10.09
N LEU A 324 -2.88 -14.05 9.61
CA LEU A 324 -2.02 -13.56 8.59
C LEU A 324 -0.77 -13.03 9.21
N ALA A 325 0.25 -12.79 8.41
CA ALA A 325 1.50 -12.32 8.90
C ALA A 325 1.41 -10.97 9.44
N GLY A 326 0.50 -10.16 8.92
CA GLY A 326 0.37 -8.79 9.43
C GLY A 326 -0.34 -7.77 8.56
N ALA A 327 -0.27 -6.50 8.94
CA ALA A 327 -0.89 -5.44 8.17
C ALA A 327 0.11 -4.57 7.43
N MET A 328 -0.36 -3.91 6.37
CA MET A 328 0.36 -2.99 5.54
C MET A 328 -0.50 -1.76 5.45
N VAL A 329 0.11 -0.62 5.74
CA VAL A 329 -0.59 0.69 5.73
C VAL A 329 -0.07 1.53 4.62
N TRP A 330 -0.93 1.90 3.71
CA TRP A 330 -0.52 2.77 2.58
C TRP A 330 -0.61 4.26 2.94
N ALA A 331 0.59 4.83 3.01
CA ALA A 331 0.93 6.20 3.29
C ALA A 331 0.92 6.64 4.76
N LEU A 332 2.10 6.76 5.40
CA LEU A 332 2.17 7.25 6.72
C LEU A 332 1.90 8.69 6.53
N ASP A 333 2.18 9.21 5.35
CA ASP A 333 2.04 10.64 5.08
C ASP A 333 0.61 11.11 4.74
N LEU A 334 -0.33 10.16 4.73
CA LEU A 334 -1.73 10.48 4.46
C LEU A 334 -2.46 10.39 5.79
N ASP A 335 -1.80 9.79 6.76
CA ASP A 335 -2.28 9.64 8.11
C ASP A 335 -2.06 10.98 8.74
N ASP A 336 -2.64 11.18 9.88
CA ASP A 336 -2.44 12.43 10.61
C ASP A 336 -1.09 12.40 11.35
N PHE A 337 -0.03 12.51 10.58
CA PHE A 337 1.33 12.42 11.12
C PHE A 337 1.68 13.47 12.11
N ARG A 338 1.08 14.63 12.02
CA ARG A 338 1.37 15.69 12.99
C ARG A 338 0.47 15.50 14.19
N GLY A 339 -0.72 14.99 13.91
CA GLY A 339 -1.69 14.75 14.97
C GLY A 339 -2.41 15.99 15.43
N THR A 340 -2.50 16.95 14.58
CA THR A 340 -3.16 18.20 14.92
C THR A 340 -4.30 18.50 13.98
N PHE A 341 -4.85 17.48 13.36
CA PHE A 341 -5.98 17.66 12.48
C PHE A 341 -7.19 16.86 12.92
N CYS A 342 -7.04 15.78 13.67
CA CYS A 342 -8.19 14.96 14.04
C CYS A 342 -8.46 14.91 15.54
N GLY A 343 -9.29 15.80 16.03
CA GLY A 343 -9.60 15.79 17.46
C GLY A 343 -8.39 15.40 18.28
N GLN A 344 -8.46 14.21 18.89
CA GLN A 344 -7.40 13.68 19.75
C GLN A 344 -6.00 14.11 19.43
N ASN A 345 -5.23 14.45 20.48
CA ASN A 345 -3.88 14.97 20.28
C ASN A 345 -2.88 13.84 19.91
N LEU A 346 -3.38 12.66 19.67
CA LEU A 346 -2.54 11.53 19.24
C LEU A 346 -1.89 11.77 17.85
N THR A 347 -0.76 11.16 17.64
CA THR A 347 -0.11 11.27 16.36
C THR A 347 -0.18 9.95 15.55
N PHE A 348 -0.52 9.99 14.28
CA PHE A 348 -0.67 8.78 13.49
C PHE A 348 -1.87 8.00 14.04
N PRO A 349 -3.04 8.62 14.09
CA PRO A 349 -4.24 7.88 14.54
C PRO A 349 -4.50 6.47 14.03
N LEU A 350 -4.66 6.35 12.74
CA LEU A 350 -4.97 5.13 12.13
C LEU A 350 -3.87 4.11 12.32
N THR A 351 -2.66 4.43 11.89
CA THR A 351 -1.59 3.42 12.00
C THR A 351 -1.44 2.96 13.42
N SER A 352 -1.74 3.78 14.40
CA SER A 352 -1.65 3.39 15.78
C SER A 352 -2.82 2.39 16.13
N ALA A 353 -4.00 2.71 15.66
CA ALA A 353 -5.09 1.84 15.90
C ALA A 353 -4.67 0.42 15.40
N VAL A 354 -4.15 0.32 14.20
CA VAL A 354 -3.81 -1.00 13.70
C VAL A 354 -2.79 -1.64 14.66
N LYS A 355 -1.87 -0.83 15.13
CA LYS A 355 -0.83 -1.35 15.97
C LYS A 355 -1.35 -1.80 17.31
N ASP A 356 -2.27 -1.08 17.89
CA ASP A 356 -2.80 -1.48 19.19
C ASP A 356 -3.44 -2.84 19.06
N VAL A 357 -4.25 -3.04 18.05
CA VAL A 357 -4.92 -4.32 17.89
C VAL A 357 -3.94 -5.45 17.68
N LEU A 358 -2.87 -5.19 16.93
CA LEU A 358 -1.86 -6.18 16.63
C LEU A 358 -1.02 -6.59 17.83
N ALA A 359 -0.90 -5.71 18.79
CA ALA A 359 -0.14 -6.04 19.98
C ALA A 359 -0.98 -6.68 21.06
N ARG A 360 -2.20 -7.03 20.77
CA ARG A 360 -3.07 -7.63 21.78
C ARG A 360 -2.91 -9.14 22.05
N VAL A 361 -3.01 -10.01 21.06
CA VAL A 361 -2.91 -11.45 21.34
C VAL A 361 -3.31 -12.29 20.15
#